data_7KYD
#
_entry.id   7KYD
#
_cell.length_a   55.851
_cell.length_b   77.778
_cell.length_c   113.315
_cell.angle_alpha   90.000
_cell.angle_beta   90.000
_cell.angle_gamma   90.000
#
_symmetry.space_group_name_H-M   'P 21 21 21'
#
loop_
_entity.id
_entity.type
_entity.pdbx_description
1 polymer 'Long-chain fatty-acyl-CoA synthetase CG6178'
2 non-polymer "5'-O-[(S)-hydroxy(octanoyloxy)phosphoryl]adenosine"
3 non-polymer 1,2-ETHANEDIOL
4 water water
#
_entity_poly.entity_id   1
_entity_poly.type   'polypeptide(L)'
_entity_poly.pdbx_seq_one_letter_code
;GPLGSMTSKLLPGNIVYGGPVTERQAQDSRSLGQYILDKYKSFGDRTVLVDAVNGVEYSASFMHKSIVRLAYILQKLGVK
QNDVVGLSSENSVNFALAMFAGLAVGATVAPLNVTYSDREVDHAINLSKPKIIFASKITIDRVAKVASKNKFVKGIIALS
GTSKKFKNIYDLKELMEDEKFKTQPDFTSPAANKDEDVSLIVCSSGTTGLPKGVQLTQMNLLATLDSQIQPTVIPMEEVT
LLTVIPWFHAFGCLTLITTACVGARLVYLPKFEEKLFLSAIEKYRVMMAFMVPPLMVFLAKHPIVDKYDLSSLMVLLCGA
APLSRETEDQIKERIGVPFIRQGYGLSESTLSVLVQNDEFCKPGSVGVLKVGIYAKVIDPDTGKLLGANERGELCFKGDG
IMKGYIGDTKSTQTAIKDGWLHTGDIGYYDDDFEFFIVDRIKELIKYKGYQVPPAEIEALLLTNDKIKDAAVIGKPDEEA
GELPLAFVVKQANVQLTENEVIQFVNDNASPAKRLRGGVIFVDEIPKNPSGKILRRILREMLKKQKSKL
;
_entity_poly.pdbx_strand_id   A
#
loop_
_chem_comp.id
_chem_comp.type
_chem_comp.name
_chem_comp.formula
C5Y non-polymer 5'-O-[(S)-hydroxy(octanoyloxy)phosphoryl]adenosine 'C18 H28 N5 O8 P'
EDO non-polymer 1,2-ETHANEDIOL 'C2 H6 O2'
#
# COMPACT_ATOMS: atom_id res chain seq x y z
N THR A 7 -17.29 10.99 13.76
CA THR A 7 -17.88 12.30 14.07
C THR A 7 -17.06 13.43 13.45
N SER A 8 -17.01 13.46 12.11
CA SER A 8 -16.31 14.53 11.43
C SER A 8 -17.00 15.87 11.70
N LYS A 9 -16.19 16.93 11.73
CA LYS A 9 -16.67 18.28 11.98
C LYS A 9 -16.15 19.23 10.90
N LEU A 10 -16.98 20.17 10.49
CA LEU A 10 -16.61 21.18 9.51
C LEU A 10 -16.18 22.43 10.27
N LEU A 11 -14.87 22.57 10.47
CA LEU A 11 -14.36 23.73 11.19
C LEU A 11 -14.40 24.98 10.32
N PRO A 12 -14.46 26.16 10.93
CA PRO A 12 -14.44 27.41 10.15
C PRO A 12 -13.25 27.45 9.20
N GLY A 13 -13.39 28.21 8.11
CA GLY A 13 -12.35 28.24 7.10
C GLY A 13 -12.40 27.12 6.09
N ASN A 14 -13.41 26.25 6.17
CA ASN A 14 -13.59 25.16 5.22
C ASN A 14 -12.54 24.06 5.42
N ILE A 15 -12.22 23.77 6.67
CA ILE A 15 -11.33 22.68 7.04
C ILE A 15 -12.17 21.59 7.70
N VAL A 16 -12.01 20.35 7.23
CA VAL A 16 -12.72 19.21 7.79
C VAL A 16 -11.81 18.50 8.79
N TYR A 17 -12.41 18.01 9.86
CA TYR A 17 -11.67 17.36 10.95
C TYR A 17 -12.33 16.02 11.26
N GLY A 18 -11.51 14.99 11.42
CA GLY A 18 -12.03 13.66 11.73
C GLY A 18 -12.34 13.42 13.19
N GLY A 19 -12.03 14.40 14.06
CA GLY A 19 -12.28 14.25 15.47
C GLY A 19 -11.00 14.06 16.26
N PRO A 20 -11.07 14.20 17.59
CA PRO A 20 -9.87 14.01 18.40
C PRO A 20 -9.56 12.54 18.61
N VAL A 21 -8.27 12.24 18.73
CA VAL A 21 -7.82 10.87 18.96
C VAL A 21 -7.97 10.55 20.44
N THR A 22 -8.89 9.64 20.76
CA THR A 22 -9.12 9.28 22.15
C THR A 22 -8.02 8.35 22.67
N GLU A 23 -7.94 7.15 22.11
CA GLU A 23 -6.95 6.18 22.55
C GLU A 23 -5.55 6.75 22.40
N ARG A 24 -4.67 6.36 23.33
CA ARG A 24 -3.28 6.80 23.29
C ARG A 24 -2.32 5.68 23.71
N GLN A 25 -2.74 4.42 23.58
CA GLN A 25 -1.90 3.31 23.99
C GLN A 25 -0.58 3.29 23.23
N ALA A 26 -0.67 3.16 21.90
CA ALA A 26 0.55 3.10 21.09
C ALA A 26 1.40 4.35 21.27
N GLN A 27 0.77 5.53 21.24
CA GLN A 27 1.53 6.77 21.37
C GLN A 27 2.22 6.86 22.73
N ASP A 28 1.58 6.32 23.78
CA ASP A 28 2.18 6.37 25.11
C ASP A 28 3.41 5.47 25.19
N SER A 29 3.48 4.44 24.34
CA SER A 29 4.64 3.54 24.33
C SER A 29 5.92 4.34 24.19
N ARG A 30 7.04 3.77 24.64
CA ARG A 30 8.31 4.45 24.52
C ARG A 30 8.98 4.22 23.16
N SER A 31 8.45 3.30 22.36
CA SER A 31 8.94 3.07 21.00
C SER A 31 8.05 2.05 20.29
N LEU A 32 7.98 2.12 18.96
CA LEU A 32 7.18 1.16 18.20
C LEU A 32 7.71 -0.26 18.38
N GLY A 33 9.02 -0.42 18.55
CA GLY A 33 9.57 -1.75 18.77
C GLY A 33 9.10 -2.37 20.07
N GLN A 34 9.03 -1.56 21.14
CA GLN A 34 8.54 -2.08 22.42
C GLN A 34 7.04 -2.38 22.37
N TYR A 35 6.28 -1.53 21.68
CA TYR A 35 4.84 -1.75 21.57
C TYR A 35 4.54 -3.03 20.81
N ILE A 36 5.35 -3.35 19.80
CA ILE A 36 5.14 -4.57 19.03
C ILE A 36 5.48 -5.78 19.88
N LEU A 37 6.62 -5.74 20.57
CA LEU A 37 7.03 -6.87 21.40
C LEU A 37 6.00 -7.18 22.48
N ASP A 38 5.62 -6.17 23.26
CA ASP A 38 4.66 -6.41 24.33
C ASP A 38 3.35 -6.95 23.79
N LYS A 39 2.86 -6.39 22.68
CA LYS A 39 1.64 -6.89 22.06
C LYS A 39 1.75 -8.38 21.76
N TYR A 40 2.83 -8.78 21.08
CA TYR A 40 3.01 -10.18 20.73
C TYR A 40 3.06 -11.05 21.99
N LYS A 41 3.83 -10.63 22.98
CA LYS A 41 3.92 -11.40 24.21
C LYS A 41 2.55 -11.50 24.88
N SER A 42 1.80 -10.40 24.90
CA SER A 42 0.50 -10.41 25.56
C SER A 42 -0.50 -11.32 24.86
N PHE A 43 -0.24 -11.73 23.61
CA PHE A 43 -1.13 -12.63 22.90
C PHE A 43 -0.87 -14.10 23.23
N GLY A 44 0.07 -14.38 24.12
CA GLY A 44 0.30 -15.76 24.52
C GLY A 44 0.71 -16.61 23.34
N ASP A 45 0.03 -17.75 23.18
CA ASP A 45 0.38 -18.74 22.17
C ASP A 45 -0.64 -18.78 21.03
N ARG A 46 -1.39 -17.70 20.83
CA ARG A 46 -2.40 -17.69 19.78
C ARG A 46 -1.75 -17.54 18.40
N THR A 47 -2.43 -18.07 17.39
CA THR A 47 -1.94 -17.98 16.02
C THR A 47 -2.09 -16.56 15.50
N VAL A 48 -1.03 -16.04 14.87
CA VAL A 48 -1.03 -14.67 14.39
C VAL A 48 -0.56 -14.60 12.95
N LEU A 49 0.03 -15.69 12.46
CA LEU A 49 0.55 -15.74 11.09
C LEU A 49 0.35 -17.14 10.53
N VAL A 50 -0.20 -17.21 9.31
CA VAL A 50 -0.47 -18.48 8.65
C VAL A 50 0.12 -18.42 7.24
N ASP A 51 1.11 -19.27 6.97
CA ASP A 51 1.68 -19.39 5.64
C ASP A 51 0.71 -20.20 4.79
N ALA A 52 -0.03 -19.51 3.93
CA ALA A 52 -1.11 -20.16 3.18
C ALA A 52 -0.57 -21.24 2.25
N VAL A 53 0.59 -20.99 1.63
CA VAL A 53 1.10 -21.93 0.64
C VAL A 53 1.52 -23.24 1.29
N ASN A 54 2.20 -23.16 2.42
CA ASN A 54 2.73 -24.34 3.10
C ASN A 54 1.89 -24.78 4.29
N GLY A 55 0.83 -24.05 4.61
CA GLY A 55 -0.04 -24.42 5.72
C GLY A 55 0.69 -24.57 7.03
N VAL A 56 1.35 -23.50 7.47
CA VAL A 56 2.10 -23.50 8.73
C VAL A 56 1.57 -22.36 9.58
N GLU A 57 1.04 -22.69 10.76
CA GLU A 57 0.59 -21.68 11.69
C GLU A 57 1.76 -21.19 12.53
N TYR A 58 1.76 -19.90 12.83
CA TYR A 58 2.80 -19.28 13.64
C TYR A 58 2.16 -18.60 14.83
N SER A 59 2.61 -18.95 16.04
CA SER A 59 2.04 -18.41 17.26
C SER A 59 2.65 -17.05 17.58
N ALA A 60 1.98 -16.33 18.49
CA ALA A 60 2.53 -15.06 18.96
C ALA A 60 3.80 -15.27 19.75
N SER A 61 3.89 -16.37 20.50
CA SER A 61 5.09 -16.63 21.29
C SER A 61 6.26 -16.99 20.39
N PHE A 62 6.01 -17.72 19.29
CA PHE A 62 7.06 -17.97 18.31
C PHE A 62 7.58 -16.66 17.73
N MET A 63 6.67 -15.74 17.39
CA MET A 63 7.09 -14.44 16.90
C MET A 63 7.94 -13.71 17.93
N HIS A 64 7.45 -13.65 19.17
CA HIS A 64 8.18 -12.94 20.21
C HIS A 64 9.58 -13.50 20.40
N LYS A 65 9.70 -14.82 20.54
CA LYS A 65 11.00 -15.43 20.74
C LYS A 65 11.94 -15.11 19.58
N SER A 66 11.46 -15.25 18.35
CA SER A 66 12.33 -15.03 17.19
C SER A 66 12.71 -13.56 17.05
N ILE A 67 11.78 -12.65 17.34
CA ILE A 67 12.11 -11.23 17.31
C ILE A 67 13.20 -10.92 18.33
N VAL A 68 13.11 -11.53 19.51
CA VAL A 68 14.11 -11.31 20.55
C VAL A 68 15.47 -11.81 20.08
N ARG A 69 15.52 -13.05 19.57
CA ARG A 69 16.78 -13.62 19.13
C ARG A 69 17.39 -12.80 18.00
N LEU A 70 16.61 -12.56 16.94
CA LEU A 70 17.13 -11.78 15.81
C LEU A 70 17.50 -10.37 16.24
N ALA A 71 16.75 -9.78 17.17
CA ALA A 71 17.07 -8.45 17.66
C ALA A 71 18.46 -8.42 18.27
N TYR A 72 18.77 -9.40 19.13
CA TYR A 72 20.10 -9.48 19.71
C TYR A 72 21.16 -9.64 18.63
N ILE A 73 20.92 -10.54 17.67
CA ILE A 73 21.88 -10.77 16.60
C ILE A 73 22.18 -9.46 15.86
N LEU A 74 21.16 -8.65 15.62
CA LEU A 74 21.37 -7.38 14.93
C LEU A 74 22.31 -6.47 15.71
N GLN A 75 22.12 -6.40 17.03
CA GLN A 75 23.02 -5.59 17.85
C GLN A 75 24.44 -6.13 17.81
N LYS A 76 24.61 -7.45 17.87
CA LYS A 76 25.94 -8.03 17.73
C LYS A 76 26.56 -7.69 16.39
N LEU A 77 25.74 -7.62 15.34
CA LEU A 77 26.23 -7.28 14.00
C LEU A 77 26.51 -5.80 13.82
N GLY A 78 26.36 -4.98 14.86
CA GLY A 78 26.67 -3.58 14.79
C GLY A 78 25.49 -2.66 14.53
N VAL A 79 24.28 -3.20 14.37
CA VAL A 79 23.11 -2.35 14.12
C VAL A 79 22.76 -1.61 15.41
N LYS A 80 22.70 -0.29 15.33
CA LYS A 80 22.38 0.54 16.48
C LYS A 80 21.15 1.39 16.17
N GLN A 81 20.56 1.93 17.24
CA GLN A 81 19.35 2.75 17.10
C GLN A 81 19.51 3.79 16.00
N ASN A 82 18.50 3.90 15.14
CA ASN A 82 18.43 4.84 14.03
C ASN A 82 19.32 4.43 12.86
N ASP A 83 20.04 3.32 12.95
CA ASP A 83 20.65 2.74 11.76
C ASP A 83 19.54 2.27 10.82
N VAL A 84 19.92 2.02 9.57
CA VAL A 84 18.99 1.61 8.54
C VAL A 84 19.31 0.18 8.12
N VAL A 85 18.27 -0.64 7.99
CA VAL A 85 18.39 -2.01 7.51
C VAL A 85 17.42 -2.19 6.36
N GLY A 86 17.90 -2.75 5.26
CA GLY A 86 17.07 -3.01 4.11
C GLY A 86 16.35 -4.34 4.19
N LEU A 87 15.20 -4.41 3.53
CA LEU A 87 14.40 -5.63 3.49
C LEU A 87 13.91 -5.84 2.06
N SER A 88 14.49 -6.81 1.36
CA SER A 88 14.11 -7.16 0.00
C SER A 88 13.61 -8.60 0.02
N SER A 89 12.30 -8.78 0.10
CA SER A 89 11.76 -10.12 0.23
C SER A 89 10.26 -10.10 -0.06
N GLU A 90 9.77 -11.24 -0.54
CA GLU A 90 8.34 -11.45 -0.66
C GLU A 90 7.72 -11.57 0.74
N ASN A 91 6.38 -11.58 0.77
CA ASN A 91 5.67 -11.79 2.03
C ASN A 91 6.07 -13.14 2.61
N SER A 92 6.43 -13.15 3.89
CA SER A 92 6.88 -14.37 4.54
C SER A 92 7.09 -14.09 6.02
N VAL A 93 7.17 -15.17 6.80
CA VAL A 93 7.44 -15.03 8.23
C VAL A 93 8.80 -14.38 8.46
N ASN A 94 9.80 -14.76 7.65
CA ASN A 94 11.11 -14.14 7.78
C ASN A 94 11.05 -12.65 7.50
N PHE A 95 10.20 -12.24 6.55
CA PHE A 95 9.97 -10.82 6.34
C PHE A 95 9.52 -10.15 7.62
N ALA A 96 8.41 -10.64 8.20
CA ALA A 96 7.90 -10.05 9.43
C ALA A 96 8.95 -10.07 10.52
N LEU A 97 9.59 -11.22 10.72
CA LEU A 97 10.65 -11.33 11.72
C LEU A 97 11.74 -10.29 11.47
N ALA A 98 12.13 -10.09 10.20
CA ALA A 98 13.18 -9.13 9.90
C ALA A 98 12.76 -7.71 10.26
N MET A 99 11.55 -7.32 9.85
CA MET A 99 11.09 -5.96 10.12
C MET A 99 10.92 -5.73 11.62
N PHE A 100 10.24 -6.65 12.31
CA PHE A 100 10.00 -6.47 13.74
C PHE A 100 11.31 -6.40 14.51
N ALA A 101 12.26 -7.29 14.20
CA ALA A 101 13.55 -7.26 14.86
C ALA A 101 14.24 -5.92 14.66
N GLY A 102 14.24 -5.42 13.41
CA GLY A 102 14.82 -4.11 13.15
C GLY A 102 14.13 -3.02 13.94
N LEU A 103 12.80 -3.07 14.02
CA LEU A 103 12.08 -2.12 14.85
C LEU A 103 12.36 -2.34 16.33
N ALA A 104 12.60 -3.58 16.75
CA ALA A 104 12.88 -3.84 18.17
C ALA A 104 14.15 -3.13 18.61
N VAL A 105 15.19 -3.14 17.78
CA VAL A 105 16.46 -2.50 18.14
C VAL A 105 16.45 -1.01 17.89
N GLY A 106 15.36 -0.45 17.38
CA GLY A 106 15.30 0.96 17.08
C GLY A 106 15.91 1.36 15.77
N ALA A 107 16.03 0.43 14.81
CA ALA A 107 16.58 0.73 13.51
C ALA A 107 15.47 1.05 12.52
N THR A 108 15.75 1.96 11.61
CA THR A 108 14.85 2.21 10.49
C THR A 108 14.84 0.99 9.58
N VAL A 109 13.66 0.56 9.17
CA VAL A 109 13.50 -0.53 8.22
C VAL A 109 13.09 0.06 6.88
N ALA A 110 13.84 -0.27 5.83
CA ALA A 110 13.59 0.21 4.47
C ALA A 110 13.31 -0.98 3.57
N PRO A 111 12.04 -1.38 3.42
CA PRO A 111 11.73 -2.49 2.53
C PRO A 111 11.91 -2.08 1.07
N LEU A 112 12.28 -3.05 0.24
CA LEU A 112 12.58 -2.84 -1.16
C LEU A 112 11.68 -3.71 -2.04
N ASN A 113 11.01 -3.10 -3.00
CA ASN A 113 10.21 -3.82 -3.98
C ASN A 113 10.95 -5.03 -4.49
N VAL A 114 10.28 -6.19 -4.49
CA VAL A 114 10.95 -7.43 -4.84
C VAL A 114 11.17 -7.54 -6.34
N THR A 115 10.34 -6.90 -7.16
CA THR A 115 10.50 -6.92 -8.61
C THR A 115 11.42 -5.82 -9.13
N TYR A 116 12.08 -5.09 -8.23
CA TYR A 116 12.97 -4.00 -8.63
C TYR A 116 14.06 -4.52 -9.57
N SER A 117 14.59 -3.61 -10.37
CA SER A 117 15.71 -3.89 -11.27
C SER A 117 17.01 -3.43 -10.64
N ASP A 118 18.12 -3.78 -11.29
CA ASP A 118 19.44 -3.41 -10.79
C ASP A 118 19.50 -1.93 -10.43
N ARG A 119 19.02 -1.08 -11.33
CA ARG A 119 19.12 0.36 -11.09
C ARG A 119 18.09 0.83 -10.06
N GLU A 120 16.92 0.21 -10.02
CA GLU A 120 15.94 0.58 -9.01
C GLU A 120 16.40 0.16 -7.62
N VAL A 121 16.92 -1.06 -7.49
CA VAL A 121 17.48 -1.51 -6.22
C VAL A 121 18.63 -0.58 -5.82
N ASP A 122 19.56 -0.34 -6.74
CA ASP A 122 20.68 0.55 -6.45
C ASP A 122 20.19 1.94 -6.05
N HIS A 123 19.16 2.44 -6.74
CA HIS A 123 18.64 3.77 -6.41
C HIS A 123 17.94 3.77 -5.05
N ALA A 124 17.25 2.68 -4.71
CA ALA A 124 16.54 2.61 -3.45
C ALA A 124 17.52 2.60 -2.27
N ILE A 125 18.47 1.67 -2.27
CA ILE A 125 19.40 1.58 -1.15
C ILE A 125 20.32 2.79 -1.08
N ASN A 126 20.45 3.54 -2.18
CA ASN A 126 21.19 4.79 -2.12
C ASN A 126 20.35 5.92 -1.53
N LEU A 127 19.02 5.75 -1.47
CA LEU A 127 18.18 6.72 -0.79
C LEU A 127 18.28 6.57 0.72
N SER A 128 18.25 5.34 1.22
CA SER A 128 18.23 5.08 2.66
C SER A 128 19.58 4.66 3.23
N LYS A 129 20.50 4.20 2.39
CA LYS A 129 21.85 3.86 2.82
C LYS A 129 21.83 2.82 3.94
N PRO A 130 21.25 1.65 3.70
CA PRO A 130 21.17 0.65 4.76
C PRO A 130 22.53 0.06 5.11
N LYS A 131 22.73 -0.20 6.40
CA LYS A 131 23.97 -0.79 6.87
C LYS A 131 23.93 -2.32 6.74
N ILE A 132 22.75 -2.91 6.96
CA ILE A 132 22.53 -4.32 6.73
C ILE A 132 21.28 -4.45 5.87
N ILE A 133 21.25 -5.49 5.04
CA ILE A 133 20.14 -5.71 4.13
C ILE A 133 19.71 -7.18 4.24
N PHE A 134 18.43 -7.40 4.51
CA PHE A 134 17.86 -8.74 4.44
C PHE A 134 17.42 -9.02 3.01
N ALA A 135 17.60 -10.26 2.57
CA ALA A 135 17.22 -10.62 1.22
C ALA A 135 16.94 -12.12 1.17
N SER A 136 15.88 -12.49 0.46
CA SER A 136 15.55 -13.88 0.22
C SER A 136 16.18 -14.35 -1.08
N LYS A 137 16.04 -15.65 -1.37
CA LYS A 137 16.69 -16.22 -2.54
C LYS A 137 16.25 -15.55 -3.83
N ILE A 138 15.04 -14.98 -3.85
CA ILE A 138 14.53 -14.39 -5.09
C ILE A 138 15.32 -13.15 -5.48
N THR A 139 15.88 -12.44 -4.50
CA THR A 139 16.54 -11.17 -4.78
C THR A 139 17.97 -11.09 -4.25
N ILE A 140 18.50 -12.14 -3.63
CA ILE A 140 19.80 -12.04 -2.98
C ILE A 140 20.89 -11.76 -4.00
N ASP A 141 20.85 -12.42 -5.15
CA ASP A 141 21.86 -12.21 -6.18
C ASP A 141 21.90 -10.75 -6.61
N ARG A 142 20.73 -10.18 -6.93
CA ARG A 142 20.68 -8.78 -7.33
C ARG A 142 21.13 -7.87 -6.20
N VAL A 143 20.69 -8.15 -4.97
CA VAL A 143 21.03 -7.30 -3.84
C VAL A 143 22.53 -7.37 -3.55
N ALA A 144 23.09 -8.57 -3.48
CA ALA A 144 24.52 -8.71 -3.24
C ALA A 144 25.32 -7.99 -4.31
N LYS A 145 24.95 -8.20 -5.57
CA LYS A 145 25.64 -7.55 -6.67
C LYS A 145 25.61 -6.03 -6.53
N VAL A 146 24.45 -5.48 -6.16
CA VAL A 146 24.33 -4.03 -6.04
C VAL A 146 25.08 -3.55 -4.81
N ALA A 147 25.00 -4.28 -3.70
CA ALA A 147 25.69 -3.86 -2.49
C ALA A 147 27.19 -3.77 -2.69
N SER A 148 27.74 -4.57 -3.61
CA SER A 148 29.17 -4.54 -3.87
C SER A 148 29.63 -3.14 -4.27
N LYS A 149 28.81 -2.43 -5.04
CA LYS A 149 29.16 -1.10 -5.53
C LYS A 149 28.71 0.01 -4.59
N ASN A 150 28.52 -0.28 -3.31
CA ASN A 150 28.07 0.73 -2.34
C ASN A 150 28.76 0.44 -1.01
N LYS A 151 29.77 1.24 -0.68
CA LYS A 151 30.62 0.95 0.46
C LYS A 151 29.83 0.97 1.78
N PHE A 152 28.75 1.76 1.84
CA PHE A 152 28.03 1.90 3.10
C PHE A 152 27.39 0.59 3.53
N VAL A 153 27.07 -0.29 2.59
CA VAL A 153 26.46 -1.58 2.93
C VAL A 153 27.52 -2.45 3.59
N LYS A 154 27.38 -2.68 4.90
CA LYS A 154 28.36 -3.44 5.64
C LYS A 154 28.05 -4.92 5.72
N GLY A 155 26.81 -5.34 5.47
CA GLY A 155 26.47 -6.74 5.54
C GLY A 155 25.11 -7.10 4.97
N ILE A 156 24.97 -8.32 4.49
CA ILE A 156 23.72 -8.82 3.95
C ILE A 156 23.33 -10.07 4.73
N ILE A 157 22.06 -10.17 5.11
CA ILE A 157 21.52 -11.36 5.75
C ILE A 157 20.58 -12.03 4.77
N ALA A 158 20.83 -13.30 4.47
CA ALA A 158 20.03 -14.05 3.51
C ALA A 158 18.95 -14.82 4.27
N LEU A 159 17.69 -14.41 4.11
CA LEU A 159 16.60 -15.17 4.68
C LEU A 159 16.49 -16.54 4.03
N SER A 160 16.94 -16.67 2.78
CA SER A 160 16.95 -17.93 2.07
C SER A 160 17.93 -17.81 0.91
N GLY A 161 18.40 -18.96 0.44
CA GLY A 161 19.34 -18.93 -0.67
C GLY A 161 20.72 -18.47 -0.24
N THR A 162 21.53 -18.14 -1.24
CA THR A 162 22.91 -17.72 -1.00
C THR A 162 23.41 -16.94 -2.22
N SER A 163 24.62 -16.41 -2.09
CA SER A 163 25.28 -15.70 -3.18
C SER A 163 26.73 -15.46 -2.78
N LYS A 164 27.58 -15.28 -3.79
CA LYS A 164 28.98 -14.98 -3.58
C LYS A 164 29.37 -13.61 -4.10
N LYS A 165 28.43 -12.84 -4.64
CA LYS A 165 28.73 -11.55 -5.24
C LYS A 165 28.85 -10.43 -4.20
N PHE A 166 28.90 -10.76 -2.92
CA PHE A 166 29.10 -9.78 -1.87
C PHE A 166 29.98 -10.40 -0.78
N LYS A 167 30.81 -9.56 -0.17
CA LYS A 167 31.80 -10.03 0.78
C LYS A 167 31.14 -10.64 2.01
N ASN A 168 30.41 -9.83 2.78
CA ASN A 168 29.92 -10.22 4.11
C ASN A 168 28.45 -10.60 4.03
N ILE A 169 28.18 -11.88 3.78
CA ILE A 169 26.83 -12.41 3.69
C ILE A 169 26.62 -13.41 4.83
N TYR A 170 25.51 -13.30 5.52
CA TYR A 170 25.13 -14.22 6.59
C TYR A 170 23.89 -14.99 6.19
N ASP A 171 23.85 -16.28 6.55
CA ASP A 171 22.65 -17.08 6.41
C ASP A 171 21.81 -16.92 7.69
N LEU A 172 20.58 -16.43 7.54
CA LEU A 172 19.76 -16.14 8.71
C LEU A 172 19.60 -17.39 9.59
N LYS A 173 19.45 -18.56 8.97
CA LYS A 173 19.25 -19.77 9.75
C LYS A 173 20.46 -20.04 10.65
N GLU A 174 21.66 -19.93 10.10
CA GLU A 174 22.86 -20.18 10.90
C GLU A 174 22.98 -19.19 12.05
N LEU A 175 22.69 -17.92 11.80
CA LEU A 175 22.80 -16.92 12.85
C LEU A 175 21.80 -17.18 13.97
N MET A 176 20.54 -17.42 13.62
CA MET A 176 19.51 -17.64 14.64
C MET A 176 19.86 -18.84 15.52
N GLU A 177 20.43 -19.89 14.91
CA GLU A 177 20.64 -21.14 15.61
C GLU A 177 22.02 -21.27 16.24
N ASP A 178 22.93 -20.31 15.99
CA ASP A 178 24.29 -20.39 16.51
C ASP A 178 24.29 -20.64 18.02
N GLU A 179 24.60 -21.88 18.42
CA GLU A 179 24.61 -22.22 19.84
C GLU A 179 25.61 -21.36 20.61
N LYS A 180 26.74 -21.03 19.99
CA LYS A 180 27.79 -20.28 20.67
C LYS A 180 27.38 -18.85 20.99
N PHE A 181 26.30 -18.34 20.38
CA PHE A 181 25.81 -16.99 20.64
C PHE A 181 24.62 -17.09 21.61
N LYS A 182 24.85 -16.74 22.87
CA LYS A 182 23.87 -16.90 23.93
C LYS A 182 23.11 -15.60 24.14
N THR A 183 21.77 -15.69 24.13
CA THR A 183 20.91 -14.53 24.31
C THR A 183 19.87 -14.83 25.39
N GLN A 184 19.29 -13.78 25.94
CA GLN A 184 18.26 -13.92 26.95
C GLN A 184 16.92 -14.23 26.31
N PRO A 185 15.95 -14.71 27.11
CA PRO A 185 14.61 -14.96 26.57
C PRO A 185 13.82 -13.70 26.25
N ASP A 186 14.27 -12.53 26.71
CA ASP A 186 13.51 -11.30 26.51
C ASP A 186 14.45 -10.17 26.09
N PHE A 187 13.94 -9.31 25.21
CA PHE A 187 14.67 -8.16 24.71
C PHE A 187 13.78 -6.94 24.82
N THR A 188 14.37 -5.81 25.19
CA THR A 188 13.62 -4.57 25.38
C THR A 188 14.16 -3.50 24.45
N SER A 189 13.24 -2.81 23.76
CA SER A 189 13.59 -1.81 22.75
C SER A 189 13.98 -0.49 23.41
N PRO A 190 14.94 0.23 22.85
CA PRO A 190 15.33 1.53 23.42
C PRO A 190 14.24 2.57 23.22
N ALA A 191 14.38 3.66 23.98
CA ALA A 191 13.44 4.77 23.87
C ALA A 191 13.75 5.59 22.61
N ALA A 192 12.69 5.97 21.91
CA ALA A 192 12.83 6.69 20.65
C ALA A 192 12.33 8.12 20.78
N ASN A 193 12.99 9.04 20.09
CA ASN A 193 12.45 10.37 19.86
C ASN A 193 11.34 10.21 18.82
N LYS A 194 10.15 9.86 19.31
CA LYS A 194 9.06 9.48 18.41
C LYS A 194 8.79 10.53 17.35
N ASP A 195 9.13 11.79 17.63
CA ASP A 195 8.83 12.86 16.68
C ASP A 195 9.80 12.88 15.50
N GLU A 196 11.03 12.42 15.69
CA GLU A 196 12.04 12.52 14.65
C GLU A 196 12.62 11.18 14.20
N ASP A 197 12.69 10.18 15.08
CA ASP A 197 13.21 8.88 14.69
C ASP A 197 12.32 8.28 13.59
N VAL A 198 12.96 7.74 12.57
CA VAL A 198 12.26 7.19 11.41
C VAL A 198 12.14 5.68 11.60
N SER A 199 10.90 5.18 11.65
CA SER A 199 10.69 3.75 11.75
C SER A 199 10.71 3.08 10.38
N LEU A 200 10.26 3.79 9.35
CA LEU A 200 10.09 3.19 8.03
C LEU A 200 10.51 4.18 6.95
N ILE A 201 11.19 3.66 5.93
CA ILE A 201 11.43 4.37 4.68
C ILE A 201 10.75 3.55 3.60
N VAL A 202 9.65 4.06 3.06
CA VAL A 202 8.87 3.37 2.04
C VAL A 202 9.17 4.00 0.69
N CYS A 203 9.57 3.18 -0.27
CA CYS A 203 9.82 3.65 -1.62
C CYS A 203 8.48 3.81 -2.34
N SER A 204 8.19 5.03 -2.79
CA SER A 204 6.97 5.32 -3.51
C SER A 204 7.26 5.47 -4.99
N SER A 205 6.32 5.01 -5.82
CA SER A 205 6.45 5.14 -7.26
C SER A 205 6.05 6.54 -7.71
N GLY A 206 6.73 7.03 -8.75
CA GLY A 206 6.45 8.35 -9.28
C GLY A 206 6.73 8.41 -10.77
N THR A 207 6.29 9.50 -11.38
CA THR A 207 6.55 9.71 -12.79
C THR A 207 8.04 9.74 -13.10
N THR A 208 8.88 9.98 -12.10
CA THR A 208 10.32 9.98 -12.30
C THR A 208 10.84 8.66 -12.85
N GLY A 209 10.11 7.57 -12.63
CA GLY A 209 10.57 6.24 -12.96
C GLY A 209 11.32 5.59 -11.81
N LEU A 210 12.09 6.38 -11.07
CA LEU A 210 12.77 5.90 -9.87
C LEU A 210 12.06 6.41 -8.63
N PRO A 211 12.00 5.60 -7.58
CA PRO A 211 11.17 5.96 -6.42
C PRO A 211 11.84 6.99 -5.53
N LYS A 212 11.02 7.58 -4.66
CA LYS A 212 11.48 8.43 -3.58
C LYS A 212 11.28 7.69 -2.26
N GLY A 213 12.09 8.06 -1.26
CA GLY A 213 12.00 7.42 0.03
C GLY A 213 11.26 8.27 1.04
N VAL A 214 10.00 7.96 1.29
CA VAL A 214 9.21 8.69 2.27
C VAL A 214 9.54 8.16 3.66
N GLN A 215 9.83 9.08 4.58
CA GLN A 215 10.21 8.73 5.95
C GLN A 215 8.99 8.81 6.85
N LEU A 216 8.65 7.70 7.48
CA LEU A 216 7.56 7.64 8.46
C LEU A 216 8.15 7.51 9.85
N THR A 217 7.85 8.46 10.72
CA THR A 217 8.39 8.46 12.07
C THR A 217 7.69 7.42 12.93
N GLN A 218 8.24 7.23 14.14
CA GLN A 218 7.53 6.43 15.14
C GLN A 218 6.18 7.04 15.46
N MET A 219 6.13 8.37 15.63
CA MET A 219 4.86 9.03 15.87
C MET A 219 3.85 8.71 14.77
N ASN A 220 4.27 8.84 13.51
CA ASN A 220 3.38 8.52 12.40
C ASN A 220 2.75 7.15 12.57
N LEU A 221 3.53 6.17 13.03
CA LEU A 221 3.02 4.80 13.13
C LEU A 221 2.22 4.59 14.40
N LEU A 222 2.69 5.09 15.53
CA LEU A 222 1.95 4.92 16.78
C LEU A 222 0.61 5.65 16.72
N ALA A 223 0.60 6.87 16.19
CA ALA A 223 -0.67 7.60 16.05
C ALA A 223 -1.61 6.87 15.09
N THR A 224 -1.06 6.29 14.02
CA THR A 224 -1.89 5.49 13.12
C THR A 224 -2.41 4.24 13.82
N LEU A 225 -1.57 3.58 14.61
CA LEU A 225 -2.00 2.41 15.36
C LEU A 225 -3.16 2.75 16.29
N ASP A 226 -3.11 3.93 16.91
CA ASP A 226 -4.17 4.38 17.81
C ASP A 226 -5.43 4.80 17.07
N SER A 227 -5.57 4.47 15.79
CA SER A 227 -6.77 4.82 15.03
C SER A 227 -7.35 3.58 14.32
N PRO A 231 -13.50 0.14 10.36
CA PRO A 231 -14.20 -0.06 9.08
C PRO A 231 -15.55 -0.75 9.26
N THR A 232 -15.60 -1.71 10.18
CA THR A 232 -16.82 -2.41 10.52
C THR A 232 -16.93 -2.51 12.04
N VAL A 233 -18.00 -3.15 12.50
CA VAL A 233 -18.24 -3.30 13.94
C VAL A 233 -17.57 -4.55 14.51
N ILE A 234 -16.95 -5.36 13.68
CA ILE A 234 -16.34 -6.62 14.12
C ILE A 234 -15.06 -6.32 14.90
N PRO A 235 -14.76 -7.07 15.95
CA PRO A 235 -13.48 -6.91 16.65
C PRO A 235 -12.38 -7.60 15.86
N MET A 236 -11.40 -6.80 15.40
CA MET A 236 -10.36 -7.33 14.52
C MET A 236 -9.54 -8.42 15.19
N GLU A 237 -9.48 -8.46 16.52
CA GLU A 237 -8.66 -9.45 17.21
C GLU A 237 -9.08 -10.87 16.83
N GLU A 238 -10.39 -11.10 16.70
CA GLU A 238 -10.92 -12.42 16.38
C GLU A 238 -11.17 -12.61 14.88
N VAL A 239 -10.36 -11.96 14.04
CA VAL A 239 -10.55 -11.99 12.59
C VAL A 239 -9.43 -12.81 11.96
N THR A 240 -9.79 -13.63 10.98
CA THR A 240 -8.83 -14.28 10.09
C THR A 240 -8.66 -13.38 8.87
N LEU A 241 -7.49 -12.77 8.73
CA LEU A 241 -7.25 -11.72 7.76
C LEU A 241 -6.26 -12.20 6.71
N LEU A 242 -6.58 -11.94 5.44
CA LEU A 242 -5.71 -12.28 4.32
C LEU A 242 -5.17 -11.00 3.70
N THR A 243 -3.85 -10.95 3.53
CA THR A 243 -3.18 -9.79 2.93
C THR A 243 -2.35 -10.29 1.75
N VAL A 244 -2.72 -9.85 0.55
CA VAL A 244 -1.96 -10.16 -0.65
C VAL A 244 -1.17 -8.95 -1.15
N ILE A 245 -1.57 -7.73 -0.79
CA ILE A 245 -0.78 -6.54 -1.06
C ILE A 245 0.65 -6.79 -0.60
N PRO A 246 1.66 -6.34 -1.34
CA PRO A 246 3.05 -6.60 -0.95
C PRO A 246 3.43 -5.83 0.31
N TRP A 247 4.15 -6.51 1.21
CA TRP A 247 4.49 -5.92 2.50
C TRP A 247 5.57 -4.86 2.40
N PHE A 248 6.24 -4.73 1.25
CA PHE A 248 7.20 -3.64 1.08
C PHE A 248 6.54 -2.32 0.71
N HIS A 249 5.26 -2.34 0.35
CA HIS A 249 4.50 -1.12 0.13
C HIS A 249 3.89 -0.65 1.44
N ALA A 250 3.74 0.67 1.58
CA ALA A 250 3.23 1.23 2.83
C ALA A 250 1.90 0.59 3.23
N PHE A 251 0.99 0.44 2.26
CA PHE A 251 -0.31 -0.16 2.55
C PHE A 251 -0.15 -1.54 3.17
N GLY A 252 0.53 -2.45 2.45
CA GLY A 252 0.74 -3.78 2.99
C GLY A 252 1.66 -3.80 4.19
N CYS A 253 2.64 -2.90 4.21
CA CYS A 253 3.58 -2.84 5.32
C CYS A 253 2.88 -2.44 6.62
N LEU A 254 2.21 -1.28 6.60
CA LEU A 254 1.52 -0.85 7.81
C LEU A 254 0.36 -1.76 8.17
N THR A 255 -0.27 -2.38 7.17
CA THR A 255 -1.34 -3.33 7.46
C THR A 255 -0.80 -4.56 8.18
N LEU A 256 0.44 -4.95 7.90
CA LEU A 256 1.02 -6.08 8.62
C LEU A 256 1.32 -5.72 10.07
N ILE A 257 1.73 -4.47 10.32
CA ILE A 257 2.05 -4.05 11.68
C ILE A 257 0.78 -3.92 12.50
N THR A 258 -0.19 -3.14 12.02
CA THR A 258 -1.43 -2.94 12.76
C THR A 258 -2.11 -4.27 13.04
N THR A 259 -2.32 -5.08 12.01
CA THR A 259 -2.95 -6.39 12.20
C THR A 259 -2.19 -7.22 13.23
N ALA A 260 -0.86 -7.10 13.26
CA ALA A 260 -0.08 -7.85 14.24
C ALA A 260 -0.36 -7.37 15.66
N CYS A 261 -0.50 -6.05 15.84
CA CYS A 261 -0.69 -5.51 17.18
C CYS A 261 -2.08 -5.81 17.74
N VAL A 262 -3.04 -6.16 16.89
CA VAL A 262 -4.40 -6.46 17.33
C VAL A 262 -4.63 -7.94 17.53
N GLY A 263 -3.60 -8.78 17.39
CA GLY A 263 -3.75 -10.20 17.62
C GLY A 263 -4.57 -10.95 16.61
N ALA A 264 -4.89 -10.33 15.47
CA ALA A 264 -5.67 -11.03 14.46
C ALA A 264 -4.87 -12.17 13.85
N ARG A 265 -5.58 -13.05 13.14
CA ARG A 265 -4.95 -14.17 12.44
C ARG A 265 -4.63 -13.71 11.02
N LEU A 266 -3.35 -13.46 10.75
CA LEU A 266 -2.91 -12.90 9.49
C LEU A 266 -2.44 -14.03 8.57
N VAL A 267 -3.26 -14.35 7.57
CA VAL A 267 -2.89 -15.30 6.52
C VAL A 267 -2.25 -14.51 5.39
N TYR A 268 -1.24 -15.11 4.76
CA TYR A 268 -0.49 -14.40 3.73
C TYR A 268 -0.06 -15.37 2.64
N LEU A 269 0.15 -14.80 1.45
CA LEU A 269 0.80 -15.44 0.32
C LEU A 269 2.03 -14.63 -0.06
N PRO A 270 3.06 -15.28 -0.65
CA PRO A 270 4.25 -14.52 -1.06
C PRO A 270 3.89 -13.27 -1.85
N LYS A 271 3.19 -13.47 -2.97
CA LYS A 271 2.62 -12.37 -3.73
C LYS A 271 1.12 -12.61 -3.88
N PHE A 272 0.55 -12.18 -5.01
CA PHE A 272 -0.83 -12.51 -5.34
C PHE A 272 -0.86 -13.50 -6.50
N GLU A 273 -1.73 -14.51 -6.38
CA GLU A 273 -1.97 -15.46 -7.45
C GLU A 273 -3.46 -15.80 -7.44
N GLU A 274 -4.09 -15.74 -8.61
CA GLU A 274 -5.54 -15.92 -8.70
C GLU A 274 -5.99 -17.17 -7.96
N LYS A 275 -5.47 -18.34 -8.37
CA LYS A 275 -5.93 -19.59 -7.78
C LYS A 275 -5.53 -19.69 -6.31
N LEU A 276 -4.30 -19.32 -5.97
CA LEU A 276 -3.87 -19.40 -4.57
C LEU A 276 -4.70 -18.47 -3.69
N PHE A 277 -5.02 -17.27 -4.20
CA PHE A 277 -5.87 -16.34 -3.45
C PHE A 277 -7.20 -17.00 -3.10
N LEU A 278 -7.95 -17.43 -4.12
CA LEU A 278 -9.23 -18.07 -3.88
C LEU A 278 -9.08 -19.30 -3.00
N SER A 279 -8.06 -20.12 -3.27
CA SER A 279 -7.86 -21.34 -2.49
C SER A 279 -7.63 -21.02 -1.02
N ALA A 280 -6.90 -19.94 -0.73
CA ALA A 280 -6.62 -19.59 0.66
C ALA A 280 -7.91 -19.21 1.40
N ILE A 281 -8.75 -18.40 0.77
CA ILE A 281 -10.01 -17.98 1.41
C ILE A 281 -10.86 -19.20 1.74
N GLU A 282 -10.86 -20.20 0.88
CA GLU A 282 -11.68 -21.39 1.10
C GLU A 282 -11.13 -22.23 2.24
N LYS A 283 -9.83 -22.55 2.19
CA LYS A 283 -9.26 -23.47 3.18
C LYS A 283 -9.27 -22.88 4.57
N TYR A 284 -8.71 -21.68 4.73
CA TYR A 284 -8.54 -21.07 6.04
C TYR A 284 -9.76 -20.25 6.47
N ARG A 285 -10.85 -20.29 5.72
CA ARG A 285 -12.08 -19.60 6.09
C ARG A 285 -11.81 -18.11 6.32
N VAL A 286 -11.03 -17.52 5.40
CA VAL A 286 -10.69 -16.10 5.52
C VAL A 286 -11.98 -15.29 5.65
N MET A 287 -11.99 -14.38 6.62
CA MET A 287 -13.16 -13.54 6.89
C MET A 287 -13.00 -12.12 6.39
N MET A 288 -11.76 -11.65 6.19
CA MET A 288 -11.52 -10.31 5.70
C MET A 288 -10.23 -10.32 4.91
N ALA A 289 -10.17 -9.52 3.84
CA ALA A 289 -9.01 -9.49 2.97
C ALA A 289 -8.78 -8.08 2.45
N PHE A 290 -7.50 -7.68 2.44
CA PHE A 290 -7.12 -6.41 1.86
C PHE A 290 -6.93 -6.56 0.36
N MET A 291 -7.44 -5.58 -0.39
CA MET A 291 -7.42 -5.67 -1.84
C MET A 291 -6.98 -4.33 -2.44
N VAL A 292 -6.50 -4.41 -3.67
CA VAL A 292 -6.31 -3.25 -4.53
C VAL A 292 -7.30 -3.39 -5.68
N PRO A 293 -7.64 -2.31 -6.38
CA PRO A 293 -8.70 -2.37 -7.39
C PRO A 293 -8.53 -3.52 -8.36
N PRO A 294 -7.31 -3.76 -8.86
CA PRO A 294 -7.11 -4.89 -9.78
C PRO A 294 -7.67 -6.21 -9.27
N LEU A 295 -7.48 -6.52 -7.99
CA LEU A 295 -8.04 -7.76 -7.45
C LEU A 295 -9.55 -7.68 -7.34
N MET A 296 -10.08 -6.51 -6.99
CA MET A 296 -11.54 -6.35 -6.93
C MET A 296 -12.16 -6.59 -8.31
N VAL A 297 -11.57 -6.03 -9.36
CA VAL A 297 -12.05 -6.27 -10.71
C VAL A 297 -11.96 -7.76 -11.04
N PHE A 298 -10.88 -8.42 -10.60
CA PHE A 298 -10.76 -9.86 -10.81
C PHE A 298 -11.89 -10.61 -10.15
N LEU A 299 -12.16 -10.31 -8.88
CA LEU A 299 -13.30 -10.92 -8.20
C LEU A 299 -14.60 -10.66 -8.95
N ALA A 300 -14.69 -9.53 -9.64
CA ALA A 300 -15.92 -9.13 -10.31
C ALA A 300 -16.03 -9.66 -11.73
N LYS A 301 -14.93 -10.05 -12.36
CA LYS A 301 -14.94 -10.43 -13.77
C LYS A 301 -14.50 -11.85 -14.03
N HIS A 302 -13.41 -12.30 -13.41
CA HIS A 302 -12.82 -13.58 -13.77
C HIS A 302 -13.80 -14.71 -13.52
N PRO A 303 -14.05 -15.58 -14.50
CA PRO A 303 -14.97 -16.70 -14.27
C PRO A 303 -14.47 -17.70 -13.24
N ILE A 304 -13.14 -17.79 -13.05
CA ILE A 304 -12.59 -18.73 -12.08
C ILE A 304 -13.10 -18.46 -10.68
N VAL A 305 -13.55 -17.24 -10.40
CA VAL A 305 -14.01 -16.89 -9.07
C VAL A 305 -15.14 -17.81 -8.62
N ASP A 306 -15.98 -18.26 -9.55
CA ASP A 306 -17.13 -19.09 -9.19
C ASP A 306 -16.73 -20.49 -8.78
N LYS A 307 -15.52 -20.93 -9.10
CA LYS A 307 -15.07 -22.28 -8.80
C LYS A 307 -14.60 -22.44 -7.36
N TYR A 308 -14.91 -21.50 -6.48
CA TYR A 308 -14.40 -21.52 -5.11
C TYR A 308 -15.50 -21.12 -4.13
N ASP A 309 -15.42 -21.67 -2.92
CA ASP A 309 -16.35 -21.35 -1.85
C ASP A 309 -15.81 -20.16 -1.07
N LEU A 310 -16.46 -19.00 -1.22
CA LEU A 310 -16.04 -17.77 -0.58
C LEU A 310 -17.01 -17.32 0.52
N SER A 311 -17.84 -18.23 1.01
CA SER A 311 -18.87 -17.87 1.98
C SER A 311 -18.26 -17.21 3.22
N SER A 312 -17.08 -17.69 3.64
CA SER A 312 -16.46 -17.16 4.85
C SER A 312 -16.06 -15.70 4.72
N LEU A 313 -15.94 -15.18 3.50
CA LEU A 313 -15.52 -13.80 3.31
C LEU A 313 -16.58 -12.84 3.85
N MET A 314 -16.17 -11.96 4.76
CA MET A 314 -17.07 -10.99 5.38
C MET A 314 -16.80 -9.56 4.93
N VAL A 315 -15.53 -9.16 4.84
CA VAL A 315 -15.17 -7.78 4.56
C VAL A 315 -14.09 -7.75 3.48
N LEU A 316 -14.22 -6.80 2.55
CA LEU A 316 -13.20 -6.50 1.56
C LEU A 316 -12.73 -5.07 1.78
N LEU A 317 -11.48 -4.91 2.20
CA LEU A 317 -10.89 -3.60 2.45
C LEU A 317 -9.99 -3.26 1.26
N CYS A 318 -10.48 -2.39 0.39
CA CYS A 318 -9.77 -2.01 -0.82
C CYS A 318 -9.19 -0.60 -0.68
N GLY A 319 -8.06 -0.38 -1.36
CA GLY A 319 -7.45 0.94 -1.38
C GLY A 319 -6.30 0.98 -2.35
N ALA A 320 -5.68 2.16 -2.43
CA ALA A 320 -4.43 2.37 -3.16
C ALA A 320 -4.64 2.86 -4.59
N ALA A 321 -5.84 2.73 -5.12
CA ALA A 321 -6.10 3.11 -6.50
C ALA A 321 -7.59 3.37 -6.68
N PRO A 322 -7.98 4.10 -7.72
CA PRO A 322 -9.40 4.37 -7.96
C PRO A 322 -10.22 3.08 -8.01
N LEU A 323 -11.36 3.10 -7.33
CA LEU A 323 -12.30 1.98 -7.35
C LEU A 323 -13.71 2.55 -7.45
N SER A 324 -14.43 2.16 -8.49
CA SER A 324 -15.77 2.67 -8.73
C SER A 324 -16.80 1.85 -7.96
N ARG A 325 -17.97 2.47 -7.74
CA ARG A 325 -19.07 1.74 -7.12
C ARG A 325 -19.62 0.66 -8.05
N GLU A 326 -19.56 0.89 -9.36
CA GLU A 326 -20.04 -0.11 -10.31
C GLU A 326 -19.29 -1.43 -10.13
N THR A 327 -18.00 -1.36 -9.81
CA THR A 327 -17.25 -2.58 -9.52
C THR A 327 -17.61 -3.14 -8.14
N GLU A 328 -17.75 -2.26 -7.14
CA GLU A 328 -18.16 -2.71 -5.82
C GLU A 328 -19.50 -3.43 -5.87
N ASP A 329 -20.51 -2.80 -6.47
CA ASP A 329 -21.81 -3.44 -6.60
C ASP A 329 -21.68 -4.77 -7.35
N GLN A 330 -20.91 -4.78 -8.43
CA GLN A 330 -20.70 -6.01 -9.18
C GLN A 330 -20.23 -7.15 -8.29
N ILE A 331 -19.18 -6.90 -7.50
CA ILE A 331 -18.62 -7.95 -6.65
C ILE A 331 -19.64 -8.39 -5.60
N LYS A 332 -20.30 -7.42 -4.96
CA LYS A 332 -21.26 -7.76 -3.92
C LYS A 332 -22.41 -8.59 -4.48
N GLU A 333 -22.86 -8.28 -5.70
CA GLU A 333 -23.93 -9.04 -6.34
C GLU A 333 -23.49 -10.39 -6.86
N ARG A 334 -22.18 -10.64 -6.96
CA ARG A 334 -21.68 -11.89 -7.51
C ARG A 334 -21.40 -12.92 -6.44
N ILE A 335 -20.73 -12.52 -5.35
CA ILE A 335 -20.29 -13.45 -4.31
C ILE A 335 -21.01 -13.25 -2.99
N GLY A 336 -21.71 -12.14 -2.80
CA GLY A 336 -22.48 -11.94 -1.58
C GLY A 336 -21.67 -11.62 -0.35
N VAL A 337 -20.68 -10.75 -0.47
CA VAL A 337 -19.93 -10.29 0.70
C VAL A 337 -20.69 -9.16 1.36
N PRO A 338 -20.89 -9.19 2.68
CA PRO A 338 -21.69 -8.16 3.33
C PRO A 338 -21.06 -6.77 3.26
N PHE A 339 -19.77 -6.68 3.57
CA PHE A 339 -19.11 -5.39 3.75
C PHE A 339 -18.01 -5.22 2.72
N ILE A 340 -18.10 -4.13 1.94
CA ILE A 340 -17.05 -3.70 1.03
C ILE A 340 -16.74 -2.25 1.36
N ARG A 341 -15.54 -2.00 1.89
CA ARG A 341 -15.15 -0.67 2.34
C ARG A 341 -13.92 -0.22 1.57
N GLN A 342 -13.95 1.02 1.09
CA GLN A 342 -12.86 1.61 0.35
C GLN A 342 -12.17 2.67 1.18
N GLY A 343 -10.83 2.69 1.12
CA GLY A 343 -10.05 3.67 1.84
C GLY A 343 -9.08 4.38 0.91
N TYR A 344 -8.60 5.53 1.38
CA TYR A 344 -7.72 6.39 0.60
C TYR A 344 -6.54 6.84 1.45
N GLY A 345 -5.37 6.88 0.84
CA GLY A 345 -4.19 7.40 1.50
C GLY A 345 -3.02 7.40 0.55
N LEU A 346 -1.90 7.95 1.03
CA LEU A 346 -0.66 7.94 0.30
C LEU A 346 0.45 7.41 1.20
N SER A 347 1.54 6.97 0.57
CA SER A 347 2.74 6.65 1.33
C SER A 347 3.15 7.83 2.20
N GLU A 348 2.96 9.05 1.69
CA GLU A 348 3.28 10.25 2.44
C GLU A 348 2.37 10.47 3.63
N SER A 349 1.24 9.76 3.72
CA SER A 349 0.31 9.88 4.82
C SER A 349 0.31 8.63 5.70
N THR A 350 1.44 7.92 5.76
CA THR A 350 1.55 6.71 6.56
C THR A 350 0.58 5.65 6.05
N LEU A 351 -0.64 5.64 6.59
CA LEU A 351 -1.68 4.74 6.09
C LEU A 351 -2.77 5.56 5.41
N SER A 352 -4.03 5.16 5.61
CA SER A 352 -5.13 5.90 5.03
C SER A 352 -5.42 7.17 5.82
N VAL A 353 -5.96 8.17 5.11
CA VAL A 353 -6.54 9.35 5.75
C VAL A 353 -8.06 9.36 5.65
N LEU A 354 -8.64 8.48 4.83
CA LEU A 354 -10.09 8.38 4.68
C LEU A 354 -10.46 6.92 4.52
N VAL A 355 -11.51 6.50 5.23
CA VAL A 355 -11.98 5.12 5.17
C VAL A 355 -13.50 5.12 5.30
N GLN A 356 -14.15 4.24 4.55
CA GLN A 356 -15.57 4.03 4.71
C GLN A 356 -15.86 3.27 6.01
N ASN A 357 -17.08 3.45 6.52
CA ASN A 357 -17.55 2.70 7.69
C ASN A 357 -19.03 2.39 7.49
N ASP A 358 -19.66 1.92 8.57
CA ASP A 358 -21.06 1.49 8.47
C ASP A 358 -21.98 2.68 8.21
N GLU A 359 -21.67 3.84 8.78
CA GLU A 359 -22.50 5.03 8.60
C GLU A 359 -22.15 5.80 7.33
N PHE A 360 -20.86 5.89 7.01
CA PHE A 360 -20.38 6.61 5.83
C PHE A 360 -19.77 5.60 4.88
N CYS A 361 -20.60 4.98 4.05
CA CYS A 361 -20.17 4.01 3.06
C CYS A 361 -20.95 4.19 1.76
N LYS A 362 -21.10 5.44 1.33
CA LYS A 362 -21.78 5.69 0.07
C LYS A 362 -21.08 4.92 -1.06
N PRO A 363 -21.83 4.46 -2.05
CA PRO A 363 -21.20 3.69 -3.13
C PRO A 363 -20.13 4.50 -3.83
N GLY A 364 -18.94 3.90 -3.94
CA GLY A 364 -17.84 4.51 -4.67
C GLY A 364 -17.09 5.60 -3.94
N SER A 365 -17.43 5.88 -2.69
CA SER A 365 -16.73 6.91 -1.93
C SER A 365 -15.53 6.29 -1.22
N VAL A 366 -14.76 7.14 -0.54
CA VAL A 366 -13.61 6.70 0.24
C VAL A 366 -13.80 6.92 1.72
N GLY A 367 -15.01 7.28 2.15
CA GLY A 367 -15.31 7.39 3.57
C GLY A 367 -15.10 8.77 4.17
N VAL A 368 -14.77 8.82 5.46
CA VAL A 368 -14.62 10.06 6.19
C VAL A 368 -13.22 10.08 6.82
N LEU A 369 -12.82 11.26 7.27
CA LEU A 369 -11.49 11.44 7.83
C LEU A 369 -11.29 10.55 9.05
N LYS A 370 -10.06 10.05 9.21
CA LYS A 370 -9.69 9.40 10.46
C LYS A 370 -9.37 10.46 11.50
N VAL A 371 -9.53 10.07 12.77
CA VAL A 371 -9.34 11.00 13.88
C VAL A 371 -7.96 11.65 13.78
N GLY A 372 -7.86 12.90 14.21
CA GLY A 372 -6.60 13.61 14.24
C GLY A 372 -6.13 14.16 12.93
N ILE A 373 -6.87 13.97 11.85
CA ILE A 373 -6.48 14.40 10.52
C ILE A 373 -7.40 15.52 10.07
N TYR A 374 -6.81 16.61 9.57
CA TYR A 374 -7.55 17.68 8.92
C TYR A 374 -7.45 17.54 7.41
N ALA A 375 -8.49 17.98 6.71
CA ALA A 375 -8.53 17.91 5.26
C ALA A 375 -9.03 19.23 4.69
N LYS A 376 -8.59 19.53 3.48
CA LYS A 376 -9.07 20.71 2.77
C LYS A 376 -8.96 20.46 1.27
N VAL A 377 -9.95 20.98 0.54
CA VAL A 377 -9.95 20.93 -0.92
C VAL A 377 -9.63 22.34 -1.41
N ILE A 378 -8.50 22.48 -2.10
CA ILE A 378 -8.03 23.78 -2.58
C ILE A 378 -8.08 23.78 -4.10
N ASP A 379 -8.45 24.92 -4.66
CA ASP A 379 -8.43 25.07 -6.11
C ASP A 379 -6.99 25.22 -6.57
N PRO A 380 -6.54 24.41 -7.53
CA PRO A 380 -5.19 24.63 -8.08
C PRO A 380 -5.15 25.89 -8.91
N ASP A 381 -3.99 26.54 -8.90
CA ASP A 381 -3.84 27.90 -9.43
C ASP A 381 -4.48 28.88 -8.45
N THR A 382 -3.99 28.87 -7.22
CA THR A 382 -4.51 29.64 -6.08
C THR A 382 -4.55 28.73 -4.86
N GLY A 383 -4.62 29.31 -3.67
CA GLY A 383 -4.84 28.56 -2.46
C GLY A 383 -6.29 28.51 -2.01
N LYS A 384 -7.22 28.93 -2.85
CA LYS A 384 -8.63 29.05 -2.47
C LYS A 384 -9.15 27.77 -1.85
N LEU A 385 -9.47 27.82 -0.56
CA LEU A 385 -10.08 26.67 0.11
C LEU A 385 -11.53 26.53 -0.34
N LEU A 386 -11.87 25.36 -0.88
CA LEU A 386 -13.20 25.13 -1.41
C LEU A 386 -14.11 24.54 -0.35
N GLY A 387 -15.41 24.51 -0.65
CA GLY A 387 -16.42 23.97 0.22
C GLY A 387 -16.90 22.61 -0.22
N ALA A 388 -18.04 22.20 0.32
CA ALA A 388 -18.59 20.89 0.00
C ALA A 388 -19.03 20.83 -1.45
N ASN A 389 -18.73 19.70 -2.10
CA ASN A 389 -19.13 19.42 -3.47
C ASN A 389 -18.30 20.16 -4.50
N GLU A 390 -17.20 20.80 -4.10
CA GLU A 390 -16.31 21.48 -5.01
C GLU A 390 -15.05 20.65 -5.21
N ARG A 391 -14.76 20.30 -6.47
CA ARG A 391 -13.60 19.49 -6.77
C ARG A 391 -12.32 20.32 -6.72
N GLY A 392 -11.28 19.74 -6.14
CA GLY A 392 -10.00 20.43 -6.03
C GLY A 392 -8.94 19.47 -5.52
N GLU A 393 -7.73 20.00 -5.37
CA GLU A 393 -6.62 19.19 -4.87
C GLU A 393 -6.78 18.95 -3.37
N LEU A 394 -6.72 17.67 -2.97
CA LEU A 394 -6.86 17.30 -1.57
C LEU A 394 -5.55 17.51 -0.83
N CYS A 395 -5.63 18.13 0.35
CA CYS A 395 -4.49 18.33 1.23
C CYS A 395 -4.83 17.85 2.63
N PHE A 396 -3.86 17.27 3.31
CA PHE A 396 -4.11 16.63 4.60
C PHE A 396 -3.06 17.05 5.62
N LYS A 397 -3.51 17.23 6.85
CA LYS A 397 -2.65 17.54 7.98
C LYS A 397 -3.02 16.65 9.16
N GLY A 398 -2.01 16.18 9.88
CA GLY A 398 -2.23 15.33 11.02
C GLY A 398 -0.99 14.57 11.39
N ASP A 399 -1.11 13.78 12.46
CA ASP A 399 0.00 13.00 12.97
C ASP A 399 0.47 11.91 12.01
N GLY A 400 -0.26 11.65 10.93
CA GLY A 400 0.12 10.65 9.97
C GLY A 400 0.93 11.15 8.80
N ILE A 401 1.20 12.44 8.72
CA ILE A 401 1.93 13.00 7.59
C ILE A 401 3.41 12.67 7.72
N MET A 402 3.99 12.18 6.64
CA MET A 402 5.40 11.79 6.60
C MET A 402 6.31 12.92 7.10
N LYS A 403 7.52 12.56 7.51
CA LYS A 403 8.50 13.58 7.87
C LYS A 403 9.12 14.24 6.65
N GLY A 404 9.18 13.54 5.52
CA GLY A 404 9.79 14.09 4.32
C GLY A 404 10.58 13.09 3.52
N TYR A 405 10.84 13.41 2.25
CA TYR A 405 11.61 12.52 1.40
C TYR A 405 13.07 12.55 1.81
N ILE A 406 13.62 11.37 2.13
CA ILE A 406 14.99 11.31 2.62
C ILE A 406 15.94 11.87 1.57
N GLY A 407 16.83 12.75 2.00
CA GLY A 407 17.81 13.35 1.11
C GLY A 407 17.26 14.22 0.01
N ASP A 408 15.96 14.52 0.04
CA ASP A 408 15.31 15.31 -1.01
C ASP A 408 14.43 16.36 -0.34
N THR A 409 15.06 17.40 0.20
CA THR A 409 14.30 18.47 0.84
C THR A 409 13.52 19.28 -0.20
N LYS A 410 14.00 19.35 -1.44
CA LYS A 410 13.27 20.06 -2.47
C LYS A 410 11.95 19.37 -2.78
N SER A 411 11.98 18.06 -3.04
CA SER A 411 10.74 17.33 -3.30
C SER A 411 9.82 17.38 -2.09
N THR A 412 10.37 17.54 -0.88
CA THR A 412 9.54 17.57 0.31
C THR A 412 8.84 18.90 0.47
N GLN A 413 9.55 20.01 0.23
CA GLN A 413 8.89 21.32 0.27
C GLN A 413 7.80 21.43 -0.79
N THR A 414 8.04 20.82 -1.95
CA THR A 414 7.03 20.84 -3.01
C THR A 414 5.76 20.10 -2.59
N ALA A 415 5.89 19.12 -1.68
CA ALA A 415 4.77 18.25 -1.32
C ALA A 415 4.07 18.67 -0.04
N ILE A 416 4.80 19.17 0.95
CA ILE A 416 4.24 19.49 2.27
C ILE A 416 4.42 20.99 2.51
N LYS A 417 3.33 21.73 2.46
CA LYS A 417 3.33 23.16 2.71
C LYS A 417 2.62 23.44 4.03
N ASP A 418 3.34 24.07 4.97
CA ASP A 418 2.76 24.49 6.25
C ASP A 418 2.10 23.31 6.95
N GLY A 419 2.79 22.17 6.95
CA GLY A 419 2.24 20.96 7.55
C GLY A 419 1.14 20.30 6.76
N TRP A 420 0.77 20.84 5.60
CA TRP A 420 -0.27 20.27 4.75
C TRP A 420 0.36 19.42 3.65
N LEU A 421 -0.12 18.19 3.51
CA LEU A 421 0.30 17.32 2.41
C LEU A 421 -0.59 17.60 1.22
N HIS A 422 0.00 18.15 0.16
CA HIS A 422 -0.71 18.36 -1.11
C HIS A 422 -0.60 17.06 -1.91
N THR A 423 -1.64 16.23 -1.82
CA THR A 423 -1.57 14.88 -2.36
C THR A 423 -1.35 14.88 -3.86
N GLY A 424 -1.83 15.90 -4.57
CA GLY A 424 -1.82 15.89 -6.01
C GLY A 424 -3.00 15.21 -6.66
N ASP A 425 -4.01 14.83 -5.89
CA ASP A 425 -5.23 14.22 -6.40
C ASP A 425 -6.37 15.23 -6.38
N ILE A 426 -7.36 14.97 -7.22
CA ILE A 426 -8.55 15.81 -7.30
C ILE A 426 -9.70 15.07 -6.63
N GLY A 427 -10.33 15.72 -5.67
CA GLY A 427 -11.46 15.13 -4.99
C GLY A 427 -12.35 16.19 -4.40
N TYR A 428 -13.28 15.75 -3.56
CA TYR A 428 -14.24 16.64 -2.92
C TYR A 428 -14.95 15.87 -1.82
N TYR A 429 -15.61 16.62 -0.94
CA TYR A 429 -16.43 16.04 0.12
C TYR A 429 -17.86 16.53 -0.04
N ASP A 430 -18.83 15.64 0.22
CA ASP A 430 -20.23 16.00 0.16
C ASP A 430 -20.65 16.66 1.47
N ASP A 431 -21.95 16.97 1.57
CA ASP A 431 -22.48 17.67 2.75
C ASP A 431 -22.40 16.83 4.00
N ASP A 432 -22.18 15.52 3.90
CA ASP A 432 -21.91 14.68 5.06
C ASP A 432 -20.43 14.54 5.36
N PHE A 433 -19.58 15.29 4.64
CA PHE A 433 -18.13 15.20 4.79
C PHE A 433 -17.60 13.82 4.40
N GLU A 434 -18.31 13.13 3.52
CA GLU A 434 -17.83 11.91 2.89
C GLU A 434 -17.06 12.28 1.63
N PHE A 435 -15.85 11.75 1.49
CA PHE A 435 -14.95 12.15 0.42
C PHE A 435 -15.07 11.23 -0.79
N PHE A 436 -14.77 11.79 -1.96
CA PHE A 436 -14.73 11.06 -3.22
C PHE A 436 -13.46 11.46 -3.95
N ILE A 437 -12.73 10.46 -4.45
CA ILE A 437 -11.48 10.67 -5.18
C ILE A 437 -11.79 10.65 -6.67
N VAL A 438 -11.45 11.74 -7.36
CA VAL A 438 -11.74 11.87 -8.78
C VAL A 438 -10.62 11.25 -9.60
N ASP A 439 -9.41 11.76 -9.44
CA ASP A 439 -8.25 11.24 -10.17
C ASP A 439 -7.00 12.00 -9.78
N ARG A 440 -5.85 11.59 -10.33
CA ARG A 440 -4.59 12.26 -10.05
C ARG A 440 -4.36 13.37 -11.08
N ILE A 441 -4.08 14.57 -10.57
CA ILE A 441 -3.89 15.73 -11.44
C ILE A 441 -2.91 15.41 -12.56
N LYS A 442 -1.79 14.78 -12.22
CA LYS A 442 -0.77 14.50 -13.23
C LYS A 442 -1.26 13.57 -14.32
N GLU A 443 -2.33 12.81 -14.07
CA GLU A 443 -2.84 11.85 -15.03
C GLU A 443 -4.07 12.36 -15.79
N LEU A 444 -4.45 13.62 -15.58
CA LEU A 444 -5.58 14.18 -16.31
C LEU A 444 -5.19 14.40 -17.78
N ILE A 445 -6.03 13.91 -18.69
CA ILE A 445 -5.74 14.02 -20.11
C ILE A 445 -5.96 15.46 -20.56
N LYS A 446 -4.89 16.11 -21.00
CA LYS A 446 -4.95 17.52 -21.41
C LYS A 446 -5.36 17.59 -22.87
N TYR A 447 -6.68 17.54 -23.09
CA TYR A 447 -7.28 17.55 -24.42
C TYR A 447 -8.01 18.86 -24.61
N LYS A 448 -7.47 19.73 -25.45
CA LYS A 448 -8.11 21.00 -25.78
C LYS A 448 -8.46 21.79 -24.52
N GLY A 449 -7.50 21.89 -23.61
CA GLY A 449 -7.70 22.65 -22.40
C GLY A 449 -8.51 21.91 -21.35
N TYR A 450 -9.30 20.93 -21.78
CA TYR A 450 -10.02 20.08 -20.85
C TYR A 450 -9.06 19.21 -20.06
N GLN A 451 -9.44 18.88 -18.84
CA GLN A 451 -8.66 18.01 -17.96
C GLN A 451 -9.51 16.77 -17.68
N VAL A 452 -9.54 15.87 -18.66
CA VAL A 452 -10.43 14.70 -18.59
C VAL A 452 -9.84 13.69 -17.60
N PRO A 453 -10.62 13.22 -16.63
CA PRO A 453 -10.11 12.24 -15.67
C PRO A 453 -10.16 10.84 -16.25
N PRO A 454 -9.00 10.22 -16.51
CA PRO A 454 -9.01 8.85 -17.04
C PRO A 454 -9.78 7.87 -16.17
N ALA A 455 -9.75 8.05 -14.85
CA ALA A 455 -10.47 7.14 -13.97
C ALA A 455 -11.97 7.13 -14.27
N GLU A 456 -12.53 8.27 -14.66
CA GLU A 456 -13.95 8.33 -15.01
C GLU A 456 -14.24 7.42 -16.19
N ILE A 457 -13.51 7.61 -17.30
CA ILE A 457 -13.69 6.75 -18.46
C ILE A 457 -13.39 5.30 -18.11
N GLU A 458 -12.38 5.07 -17.26
CA GLU A 458 -12.02 3.71 -16.89
C GLU A 458 -13.17 3.02 -16.16
N ALA A 459 -13.83 3.72 -15.26
CA ALA A 459 -14.99 3.13 -14.58
C ALA A 459 -16.11 2.84 -15.56
N LEU A 460 -16.35 3.75 -16.51
CA LEU A 460 -17.38 3.52 -17.51
C LEU A 460 -17.06 2.28 -18.33
N LEU A 461 -15.81 2.12 -18.76
CA LEU A 461 -15.44 0.96 -19.56
C LEU A 461 -15.55 -0.34 -18.78
N LEU A 462 -15.36 -0.28 -17.46
CA LEU A 462 -15.43 -1.49 -16.65
C LEU A 462 -16.87 -1.92 -16.35
N THR A 463 -17.85 -1.06 -16.63
CA THR A 463 -19.25 -1.48 -16.51
C THR A 463 -19.67 -2.39 -17.66
N ASN A 464 -18.97 -2.31 -18.80
CA ASN A 464 -19.28 -3.16 -19.94
C ASN A 464 -18.86 -4.60 -19.64
N ASP A 465 -19.86 -5.50 -19.59
CA ASP A 465 -19.58 -6.90 -19.26
C ASP A 465 -18.57 -7.53 -20.20
N LYS A 466 -18.31 -6.93 -21.36
CA LYS A 466 -17.36 -7.47 -22.33
C LYS A 466 -15.93 -6.99 -22.09
N ILE A 467 -15.71 -6.14 -21.09
CA ILE A 467 -14.40 -5.56 -20.82
C ILE A 467 -13.89 -6.14 -19.50
N LYS A 468 -12.65 -6.61 -19.52
CA LYS A 468 -12.02 -7.24 -18.36
C LYS A 468 -11.10 -6.30 -17.59
N ASP A 469 -10.44 -5.37 -18.28
CA ASP A 469 -9.62 -4.34 -17.64
C ASP A 469 -9.53 -3.16 -18.59
N ALA A 470 -9.28 -1.98 -18.03
CA ALA A 470 -9.28 -0.77 -18.83
C ALA A 470 -8.28 0.23 -18.28
N ALA A 471 -7.62 0.96 -19.18
CA ALA A 471 -6.71 2.03 -18.80
C ALA A 471 -6.70 3.05 -19.93
N VAL A 472 -6.98 4.31 -19.60
CA VAL A 472 -7.09 5.39 -20.57
C VAL A 472 -5.90 6.31 -20.43
N ILE A 473 -5.28 6.66 -21.55
CA ILE A 473 -4.11 7.52 -21.57
C ILE A 473 -4.29 8.56 -22.67
N GLY A 474 -3.64 9.71 -22.49
CA GLY A 474 -3.66 10.74 -23.52
C GLY A 474 -2.73 10.40 -24.66
N LYS A 475 -3.26 10.46 -25.89
CA LYS A 475 -2.45 10.21 -27.07
C LYS A 475 -1.90 11.53 -27.60
N PRO A 476 -0.59 11.66 -27.79
CA PRO A 476 -0.03 12.95 -28.24
C PRO A 476 -0.65 13.38 -29.57
N ASP A 477 -1.07 14.65 -29.63
CA ASP A 477 -1.68 15.22 -30.82
C ASP A 477 -1.20 16.64 -30.98
N GLU A 478 -0.98 17.05 -32.24
CA GLU A 478 -0.42 18.37 -32.51
C GLU A 478 -1.40 19.47 -32.15
N GLU A 479 -2.65 19.37 -32.60
CA GLU A 479 -3.61 20.43 -32.37
C GLU A 479 -4.27 20.31 -30.99
N ALA A 480 -4.74 19.11 -30.64
CA ALA A 480 -5.45 18.93 -29.38
C ALA A 480 -4.51 18.75 -28.20
N GLY A 481 -3.27 18.33 -28.44
CA GLY A 481 -2.33 18.09 -27.37
C GLY A 481 -2.38 16.67 -26.85
N GLU A 482 -3.57 16.23 -26.42
CA GLU A 482 -3.75 14.87 -25.92
C GLU A 482 -5.12 14.38 -26.33
N LEU A 483 -5.17 13.15 -26.83
CA LEU A 483 -6.42 12.50 -27.21
C LEU A 483 -6.65 11.28 -26.34
N PRO A 484 -7.81 11.15 -25.70
CA PRO A 484 -8.06 9.99 -24.85
C PRO A 484 -7.90 8.68 -25.62
N LEU A 485 -7.09 7.78 -25.07
CA LEU A 485 -6.86 6.46 -25.65
C LEU A 485 -7.09 5.41 -24.58
N ALA A 486 -7.81 4.35 -24.94
CA ALA A 486 -8.20 3.32 -24.00
C ALA A 486 -7.47 2.03 -24.32
N PHE A 487 -6.63 1.58 -23.38
CA PHE A 487 -6.12 0.22 -23.41
C PHE A 487 -7.17 -0.70 -22.79
N VAL A 488 -7.66 -1.67 -23.56
CA VAL A 488 -8.78 -2.50 -23.15
C VAL A 488 -8.35 -3.96 -23.14
N VAL A 489 -8.74 -4.67 -22.08
CA VAL A 489 -8.52 -6.10 -21.95
C VAL A 489 -9.91 -6.75 -21.90
N LYS A 490 -10.27 -7.47 -22.96
CA LYS A 490 -11.58 -8.08 -23.00
C LYS A 490 -11.63 -9.36 -22.18
N GLN A 491 -12.84 -9.86 -21.96
CA GLN A 491 -13.03 -11.17 -21.38
C GLN A 491 -12.84 -12.25 -22.45
N ALA A 492 -12.75 -13.49 -22.00
CA ALA A 492 -12.43 -14.60 -22.90
C ALA A 492 -13.51 -14.81 -23.95
N ASN A 493 -14.57 -15.53 -23.59
CA ASN A 493 -15.63 -15.91 -24.52
C ASN A 493 -16.56 -14.73 -24.75
N VAL A 494 -16.15 -13.85 -25.66
CA VAL A 494 -16.93 -12.66 -26.00
C VAL A 494 -16.37 -12.06 -27.28
N GLN A 495 -17.17 -11.25 -27.96
CA GLN A 495 -16.75 -10.50 -29.13
C GLN A 495 -16.78 -9.02 -28.81
N LEU A 496 -15.69 -8.32 -29.13
CA LEU A 496 -15.61 -6.88 -28.88
C LEU A 496 -14.73 -6.25 -29.94
N THR A 497 -15.13 -5.05 -30.39
CA THR A 497 -14.42 -4.34 -31.44
C THR A 497 -14.12 -2.92 -30.98
N GLU A 498 -13.05 -2.35 -31.55
CA GLU A 498 -12.70 -0.97 -31.23
C GLU A 498 -13.87 -0.03 -31.47
N ASN A 499 -14.60 -0.23 -32.57
CA ASN A 499 -15.77 0.61 -32.83
C ASN A 499 -16.81 0.46 -31.73
N GLU A 500 -17.06 -0.77 -31.27
CA GLU A 500 -18.05 -0.99 -30.22
C GLU A 500 -17.64 -0.30 -28.93
N VAL A 501 -16.34 -0.30 -28.62
CA VAL A 501 -15.86 0.39 -27.42
C VAL A 501 -16.02 1.89 -27.57
N ILE A 502 -15.56 2.44 -28.69
CA ILE A 502 -15.72 3.87 -28.95
C ILE A 502 -17.20 4.24 -28.85
N GLN A 503 -18.07 3.44 -29.46
CA GLN A 503 -19.51 3.69 -29.37
C GLN A 503 -19.99 3.69 -27.93
N PHE A 504 -19.45 2.79 -27.11
CA PHE A 504 -19.91 2.67 -25.73
C PHE A 504 -19.66 3.95 -24.96
N VAL A 505 -18.43 4.47 -24.99
CA VAL A 505 -18.16 5.72 -24.30
C VAL A 505 -18.77 6.91 -25.02
N ASN A 506 -19.04 6.78 -26.32
CA ASN A 506 -19.71 7.85 -27.05
C ASN A 506 -21.15 8.04 -26.57
N ASP A 507 -21.80 6.96 -26.14
CA ASP A 507 -23.19 7.01 -25.73
C ASP A 507 -23.37 7.11 -24.22
N ASN A 508 -22.26 7.15 -23.45
CA ASN A 508 -22.38 7.21 -22.00
C ASN A 508 -21.42 8.20 -21.37
N ALA A 509 -20.71 9.01 -22.16
CA ALA A 509 -19.74 9.96 -21.63
C ALA A 509 -19.84 11.27 -22.39
N SER A 510 -19.30 12.33 -21.79
CA SER A 510 -19.31 13.64 -22.41
C SER A 510 -18.41 13.65 -23.65
N PRO A 511 -18.62 14.60 -24.56
CA PRO A 511 -17.81 14.62 -25.79
C PRO A 511 -16.32 14.69 -25.54
N ALA A 512 -15.88 15.26 -24.41
CA ALA A 512 -14.45 15.34 -24.14
C ALA A 512 -13.84 13.97 -23.88
N LYS A 513 -14.60 13.08 -23.24
CA LYS A 513 -14.11 11.72 -22.97
C LYS A 513 -14.09 10.84 -24.21
N ARG A 514 -14.48 11.37 -25.36
CA ARG A 514 -14.45 10.59 -26.59
C ARG A 514 -13.09 9.98 -26.82
N LEU A 515 -13.07 8.68 -27.12
CA LEU A 515 -11.82 7.97 -27.38
C LEU A 515 -11.29 8.30 -28.78
N ARG A 516 -11.08 9.61 -29.00
CA ARG A 516 -10.51 10.05 -30.27
C ARG A 516 -9.17 9.39 -30.54
N GLY A 517 -8.44 9.01 -29.49
CA GLY A 517 -7.19 8.30 -29.66
C GLY A 517 -7.35 6.85 -30.08
N GLY A 518 -8.56 6.31 -30.03
CA GLY A 518 -8.79 4.95 -30.45
C GLY A 518 -8.69 3.94 -29.32
N VAL A 519 -8.80 2.68 -29.70
CA VAL A 519 -8.73 1.56 -28.77
C VAL A 519 -7.49 0.74 -29.09
N ILE A 520 -6.93 0.12 -28.05
CA ILE A 520 -5.78 -0.76 -28.21
C ILE A 520 -5.97 -1.97 -27.32
N PHE A 521 -6.58 -3.03 -27.88
CA PHE A 521 -6.83 -4.23 -27.10
C PHE A 521 -5.52 -4.89 -26.70
N VAL A 522 -5.49 -5.41 -25.47
CA VAL A 522 -4.30 -6.05 -24.92
C VAL A 522 -4.74 -7.09 -23.91
N ASP A 523 -3.93 -8.13 -23.74
CA ASP A 523 -4.27 -9.23 -22.85
C ASP A 523 -3.93 -8.97 -21.39
N GLU A 524 -3.31 -7.83 -21.08
CA GLU A 524 -2.95 -7.52 -19.70
C GLU A 524 -2.49 -6.07 -19.62
N ILE A 525 -2.93 -5.38 -18.58
CA ILE A 525 -2.57 -3.98 -18.35
C ILE A 525 -1.45 -3.95 -17.31
N PRO A 526 -0.36 -3.21 -17.56
CA PRO A 526 0.75 -3.18 -16.59
C PRO A 526 0.34 -2.46 -15.31
N LYS A 527 0.40 -3.18 -14.19
CA LYS A 527 0.15 -2.63 -12.88
C LYS A 527 1.36 -2.87 -11.99
N ASN A 528 1.57 -1.97 -11.04
CA ASN A 528 2.61 -2.16 -10.04
C ASN A 528 2.08 -3.09 -8.95
N PRO A 529 2.98 -3.62 -8.11
CA PRO A 529 2.54 -4.55 -7.07
C PRO A 529 1.44 -3.98 -6.17
N SER A 530 1.25 -2.66 -6.18
CA SER A 530 0.25 -2.01 -5.35
C SER A 530 -1.02 -1.67 -6.11
N GLY A 531 -1.23 -2.29 -7.29
CA GLY A 531 -2.44 -2.06 -8.03
C GLY A 531 -2.55 -0.73 -8.74
N LYS A 532 -1.44 -0.02 -8.92
CA LYS A 532 -1.45 1.25 -9.64
C LYS A 532 -1.12 1.02 -11.11
N ILE A 533 -1.92 1.61 -11.99
CA ILE A 533 -1.70 1.45 -13.42
C ILE A 533 -0.38 2.13 -13.80
N LEU A 534 0.55 1.35 -14.33
CA LEU A 534 1.87 1.87 -14.72
C LEU A 534 1.71 2.65 -16.03
N ARG A 535 1.26 3.89 -15.89
CA ARG A 535 1.04 4.73 -17.06
C ARG A 535 2.33 4.92 -17.86
N ARG A 536 3.46 5.04 -17.17
CA ARG A 536 4.75 5.22 -17.84
C ARG A 536 4.96 4.13 -18.90
N ILE A 537 4.77 2.87 -18.51
CA ILE A 537 4.94 1.78 -19.46
C ILE A 537 3.89 1.85 -20.56
N LEU A 538 2.65 2.21 -20.20
CA LEU A 538 1.58 2.25 -21.19
C LEU A 538 1.91 3.22 -22.31
N ARG A 539 2.44 4.40 -21.96
CA ARG A 539 2.78 5.38 -23.00
C ARG A 539 3.90 4.88 -23.89
N GLU A 540 4.75 3.98 -23.39
CA GLU A 540 5.82 3.44 -24.22
C GLU A 540 5.28 2.51 -25.30
N MET A 541 4.22 1.77 -25.00
CA MET A 541 3.71 0.79 -25.96
C MET A 541 3.05 1.44 -27.18
N LEU A 542 2.72 2.73 -27.10
CA LEU A 542 2.08 3.41 -28.23
C LEU A 542 2.90 3.22 -29.51
N LYS A 543 2.67 2.11 -30.21
CA LYS A 543 3.43 1.80 -31.42
C LYS A 543 2.54 1.16 -32.48
C15 C5Y B . -1.46 4.17 0.18
C17 C5Y B . -3.20 2.98 1.47
C20 C5Y B . -6.77 2.54 2.70
C21 C5Y B . -7.32 1.83 3.94
C24 C5Y B . -2.83 8.88 -4.09
C26 C5Y B . -3.93 8.56 -5.04
C28 C5Y B . -4.72 5.88 -3.09
C02 C5Y B . -8.35 5.46 -3.56
C03 C5Y B . -6.84 5.72 -3.53
C04 C5Y B . -6.23 6.35 -4.58
C06 C5Y B . -3.88 7.06 -5.17
C08 C5Y B . -1.82 7.83 -4.41
C09 C5Y B . -0.90 7.42 -3.26
C14 C5Y B . -0.83 4.35 -1.20
C16 C5Y B . -2.51 3.07 0.12
C18 C5Y B . -4.71 2.88 1.31
C19 C5Y B . -5.28 2.22 2.56
C31 C5Y B . -8.40 6.54 -5.76
N01 C5Y B . -9.02 4.80 -2.46
N05 C5Y B . -4.92 6.45 -4.30
N29 C5Y B . -5.91 5.45 -2.62
N30 C5Y B . -6.95 6.75 -5.66
N32 C5Y B . -9.11 5.89 -4.70
O07 C5Y B . -2.56 6.69 -4.80
O10 C5Y B . -0.51 6.10 -3.50
O12 C5Y B . 1.86 6.62 -2.60
O13 C5Y B . 0.45 4.90 -1.32
O22 C5Y B . -1.44 4.03 -2.17
O23 C5Y B . 1.48 4.42 -3.63
O25 C5Y B . -2.19 10.21 -4.41
O27 C5Y B . -3.72 9.19 -6.22
P11 C5Y B . 0.86 5.51 -2.78
H151 C5Y B . -0.69 3.90 0.89
H152 C5Y B . -1.93 5.10 0.49
H172 C5Y B . -2.84 2.10 2.00
H171 C5Y B . -2.96 3.86 2.06
H201 C5Y B . -6.90 3.62 2.81
H202 C5Y B . -7.30 2.21 1.82
H212 C5Y B . -7.11 2.42 4.82
H213 C5Y B . -6.85 0.86 4.03
H211 C5Y B . -8.40 1.70 3.83
H241 C5Y B . -3.20 8.88 -3.06
H261 C5Y B . -4.91 8.85 -4.65
H281 C5Y B . -3.78 5.81 -2.58
H061 C5Y B . -4.02 6.75 -6.20
H081 C5Y B . -1.21 8.24 -5.21
H091 C5Y B . -1.43 7.49 -2.32
H092 C5Y B . -0.03 8.07 -3.24
H162 C5Y B . -3.24 3.30 -0.64
H161 C5Y B . -2.03 2.12 -0.12
H182 C5Y B . -5.13 3.87 1.19
H181 C5Y B . -4.94 2.28 0.43
H192 C5Y B . -5.15 1.15 2.49
H191 C5Y B . -4.75 2.59 3.43
H311 C5Y B . -8.93 6.88 -6.65
H012 C5Y B . -9.80 5.24 -2.02
H011 C5Y B . -8.70 3.90 -2.15
H251 C5Y B . -2.02 10.68 -3.61
H271 C5Y B . -3.62 8.53 -6.89
C1 EDO C . -6.59 -1.96 9.09
O1 EDO C . -7.66 -1.32 9.81
C2 EDO C . -6.31 -1.17 7.80
O2 EDO C . -7.54 -0.73 7.23
H11 EDO C . -6.87 -2.98 8.84
H12 EDO C . -5.70 -2.00 9.71
HO1 EDO C . -7.87 -1.85 10.60
H21 EDO C . -5.67 -0.32 8.03
H22 EDO C . -5.77 -1.81 7.10
HO2 EDO C . -7.45 -0.70 6.26
#